data_3LV3
#
_entry.id   3LV3
#
_cell.length_a   56.290
_cell.length_b   54.614
_cell.length_c   69.834
_cell.angle_alpha   90.00
_cell.angle_beta   99.33
_cell.angle_gamma   90.00
#
_symmetry.space_group_name_H-M   'P 1 21 1'
#
loop_
_entity.id
_entity.type
_entity.pdbx_description
1 polymer 'HLA class I histocompatibility antigen, B-27 alpha chain'
2 polymer Beta-2-microglobulin
3 polymer '9-meric peptide from Voltage-dependent L-type calcium channel subunit alpha-1D'
4 non-polymer GLYCEROL
5 water water
#
loop_
_entity_poly.entity_id
_entity_poly.type
_entity_poly.pdbx_seq_one_letter_code
_entity_poly.pdbx_strand_id
1 'polypeptide(L)'
;GSHSMRYFHTSVSRPGRGEPRFITVGYVDDTLFVRFDSDAASPREEPRAPWIEQEGPEYWDRETQICKAKAQTDREDLRT
LLRYYNQSEAGSHTLQNMYGCDVGPDGRLLRGYHQDAYDGKDYIALNEDLSSWTAADTAAQITQRKWEAARVAEQLRAYL
EGECVEWLRRYLENGKETLQRADPPKTHVTHHPISDHEATLRCWALGFYPAEITLTWQRDGEDQTQDTELVETRPAGDRT
FQKWAAVVVPSGEEQRYTCHVQHEGLPKPLTLRWEP
;
A
2 'polypeptide(L)'
;MIQRTPKIQVYSRHPAENGKSNFLNCYVSGFHPSDIEVDLLKNGERIEKVEHSDLSFSKDWSFYLLYYTEFTPTEKDEYA
CRVNHVTLSQPKIVKWDRDM
;
B
3 'polypeptide(L)' SRRWRRWNR C
#
loop_
_chem_comp.id
_chem_comp.type
_chem_comp.name
_chem_comp.formula
GOL non-polymer GLYCEROL 'C3 H8 O3'
#
# COMPACT_ATOMS: atom_id res chain seq x y z
N GLY A 1 -6.05 -17.51 -9.97
CA GLY A 1 -6.84 -16.56 -10.80
C GLY A 1 -5.92 -15.59 -11.54
N SER A 2 -6.25 -14.30 -11.48
CA SER A 2 -5.49 -13.23 -12.13
C SER A 2 -4.37 -12.73 -11.22
N HIS A 3 -3.32 -12.19 -11.83
CA HIS A 3 -2.18 -11.72 -11.07
C HIS A 3 -1.62 -10.38 -11.58
N SER A 4 -0.78 -9.75 -10.77
CA SER A 4 -0.19 -8.46 -11.13
C SER A 4 1.25 -8.35 -10.64
N MET A 5 2.02 -7.49 -11.29
CA MET A 5 3.35 -7.09 -10.81
C MET A 5 3.41 -5.59 -10.96
N ARG A 6 3.94 -4.90 -9.95
CA ARG A 6 3.98 -3.43 -9.96
C ARG A 6 5.26 -2.94 -9.36
N TYR A 7 5.85 -1.93 -9.97
CA TYR A 7 6.94 -1.17 -9.37
C TYR A 7 6.46 0.25 -9.04
N PHE A 8 6.72 0.66 -7.80
CA PHE A 8 6.34 1.98 -7.31
C PHE A 8 7.61 2.76 -7.03
N HIS A 9 7.62 4.04 -7.43
CA HIS A 9 8.79 4.91 -7.23
C HIS A 9 8.38 6.27 -6.71
N THR A 10 9.11 6.77 -5.71
CA THR A 10 8.82 8.09 -5.16
C THR A 10 10.13 8.85 -4.95
N SER A 11 10.22 10.06 -5.51
CA SER A 11 11.31 11.01 -5.17
C SER A 11 10.75 12.25 -4.50
N VAL A 12 11.43 12.72 -3.48
CA VAL A 12 10.97 13.88 -2.73
C VAL A 12 12.15 14.81 -2.56
N SER A 13 12.03 16.03 -3.08
CA SER A 13 13.11 17.01 -2.87
C SER A 13 13.09 17.57 -1.44
N ARG A 14 14.24 18.06 -0.98
CA ARG A 14 14.35 18.56 0.39
C ARG A 14 15.35 19.70 0.42
N PRO A 15 14.95 20.86 -0.08
CA PRO A 15 15.82 22.03 -0.23
C PRO A 15 16.61 22.32 1.04
N GLY A 16 17.92 22.49 0.91
CA GLY A 16 18.78 22.77 2.06
C GLY A 16 19.14 21.54 2.89
N ARG A 17 18.64 20.37 2.50
CA ARG A 17 18.95 19.12 3.22
C ARG A 17 19.57 18.07 2.29
N GLY A 18 20.22 18.52 1.22
CA GLY A 18 20.87 17.60 0.28
C GLY A 18 19.96 17.11 -0.84
N GLU A 19 20.38 16.04 -1.50
CA GLU A 19 19.70 15.58 -2.71
C GLU A 19 18.37 14.89 -2.41
N PRO A 20 17.47 14.86 -3.39
CA PRO A 20 16.14 14.26 -3.15
C PRO A 20 16.24 12.82 -2.64
N ARG A 21 15.26 12.40 -1.85
CA ARG A 21 15.20 11.01 -1.42
C ARG A 21 14.43 10.19 -2.45
N PHE A 22 14.98 9.04 -2.82
CA PHE A 22 14.32 8.11 -3.76
C PHE A 22 14.02 6.76 -3.11
N ILE A 23 12.76 6.33 -3.17
CA ILE A 23 12.34 5.04 -2.59
C ILE A 23 11.51 4.32 -3.64
N THR A 24 11.87 3.07 -3.91
CA THR A 24 11.12 2.24 -4.84
C THR A 24 10.92 0.86 -4.25
N VAL A 25 9.71 0.34 -4.47
CA VAL A 25 9.37 -1.00 -4.03
C VAL A 25 8.72 -1.75 -5.20
N GLY A 26 8.83 -3.08 -5.17
CA GLY A 26 8.18 -3.94 -6.17
C GLY A 26 7.25 -4.93 -5.49
N TYR A 27 6.12 -5.22 -6.12
CA TYR A 27 5.13 -6.15 -5.59
C TYR A 27 4.78 -7.19 -6.66
N VAL A 28 4.52 -8.41 -6.22
CA VAL A 28 3.75 -9.40 -7.02
C VAL A 28 2.43 -9.59 -6.26
N ASP A 29 1.32 -9.26 -6.92
CA ASP A 29 0.02 -9.21 -6.26
C ASP A 29 0.18 -8.35 -5.01
N ASP A 30 -0.16 -8.88 -3.84
CA ASP A 30 -0.02 -8.07 -2.62
C ASP A 30 1.23 -8.36 -1.80
N THR A 31 2.21 -9.02 -2.43
CA THR A 31 3.44 -9.43 -1.74
C THR A 31 4.60 -8.53 -2.14
N LEU A 32 5.12 -7.77 -1.18
CA LEU A 32 6.33 -7.01 -1.41
C LEU A 32 7.52 -7.96 -1.66
N PHE A 33 8.27 -7.73 -2.73
CA PHE A 33 9.40 -8.63 -2.98
C PHE A 33 10.79 -7.98 -3.14
N VAL A 34 10.81 -6.71 -3.54
CA VAL A 34 12.09 -5.95 -3.62
C VAL A 34 11.93 -4.53 -3.10
N ARG A 35 13.04 -3.93 -2.65
CA ARG A 35 13.07 -2.54 -2.15
C ARG A 35 14.44 -1.90 -2.38
N PHE A 36 14.43 -0.58 -2.60
CA PHE A 36 15.63 0.23 -2.68
C PHE A 36 15.32 1.58 -2.04
N ASP A 37 16.26 2.09 -1.25
CA ASP A 37 16.13 3.39 -0.57
C ASP A 37 17.45 4.10 -0.72
N SER A 38 17.44 5.23 -1.42
CA SER A 38 18.68 6.01 -1.65
C SER A 38 19.38 6.50 -0.38
N ASP A 39 18.65 6.53 0.73
CA ASP A 39 19.20 6.93 2.04
C ASP A 39 19.80 5.76 2.85
N ALA A 40 19.68 4.53 2.36
CA ALA A 40 20.33 3.40 3.04
C ALA A 40 21.82 3.64 3.05
N ALA A 41 22.49 3.09 4.07
CA ALA A 41 23.93 3.24 4.26
C ALA A 41 24.75 2.89 3.02
N SER A 42 24.42 1.76 2.38
CA SER A 42 25.07 1.35 1.12
CA SER A 42 25.07 1.39 1.10
C SER A 42 24.00 0.85 0.15
N PRO A 43 23.36 1.77 -0.62
CA PRO A 43 22.13 1.39 -1.33
C PRO A 43 22.28 0.31 -2.41
N ARG A 44 21.45 -0.73 -2.28
CA ARG A 44 21.33 -1.81 -3.27
C ARG A 44 19.86 -2.20 -3.25
N GLU A 45 19.36 -2.76 -4.35
CA GLU A 45 18.04 -3.36 -4.25
C GLU A 45 18.19 -4.63 -3.43
N GLU A 46 17.26 -4.85 -2.51
CA GLU A 46 17.30 -5.96 -1.55
C GLU A 46 16.03 -6.81 -1.67
N PRO A 47 16.16 -8.11 -1.37
CA PRO A 47 15.00 -9.01 -1.35
C PRO A 47 14.12 -8.76 -0.13
N ARG A 48 12.81 -8.96 -0.29
CA ARG A 48 11.80 -8.89 0.77
C ARG A 48 10.82 -10.08 0.75
N ALA A 49 11.04 -11.02 -0.16
CA ALA A 49 10.27 -12.28 -0.23
C ALA A 49 11.23 -13.48 -0.43
N PRO A 50 10.96 -14.65 0.22
CA PRO A 50 11.98 -15.69 0.14
C PRO A 50 12.19 -16.27 -1.27
N TRP A 51 11.16 -16.19 -2.12
CA TRP A 51 11.23 -16.79 -3.46
C TRP A 51 12.06 -15.97 -4.47
N ILE A 52 12.44 -14.75 -4.09
CA ILE A 52 13.25 -13.92 -4.96
C ILE A 52 14.73 -14.10 -4.64
N GLU A 53 15.01 -14.68 -3.48
CA GLU A 53 16.38 -14.76 -2.99
C GLU A 53 17.23 -15.62 -3.90
N GLN A 54 16.60 -16.59 -4.57
CA GLN A 54 17.31 -17.49 -5.49
C GLN A 54 17.87 -16.81 -6.74
N GLU A 55 17.42 -15.58 -7.04
CA GLU A 55 17.96 -14.86 -8.20
C GLU A 55 19.46 -14.59 -7.99
N GLY A 56 20.23 -14.70 -9.07
CA GLY A 56 21.69 -14.62 -8.99
C GLY A 56 22.24 -13.20 -8.84
N PRO A 57 23.56 -13.08 -8.62
CA PRO A 57 24.21 -11.79 -8.43
C PRO A 57 23.99 -10.87 -9.61
N GLU A 58 23.95 -11.39 -10.84
CA GLU A 58 23.73 -10.52 -12.00
C GLU A 58 22.35 -9.82 -11.95
N TYR A 59 21.36 -10.51 -11.38
CA TYR A 59 20.01 -9.96 -11.19
C TYR A 59 20.08 -8.72 -10.26
N TRP A 60 20.67 -8.91 -9.09
CA TRP A 60 20.78 -7.81 -8.11
C TRP A 60 21.61 -6.62 -8.61
N ASP A 61 22.69 -6.88 -9.36
CA ASP A 61 23.49 -5.81 -9.99
C ASP A 61 22.67 -4.97 -10.97
N ARG A 62 21.94 -5.64 -11.85
CA ARG A 62 21.10 -4.96 -12.86
C ARG A 62 20.02 -4.12 -12.20
N GLU A 63 19.34 -4.72 -11.23
CA GLU A 63 18.23 -4.09 -10.52
C GLU A 63 18.77 -2.84 -9.81
N THR A 64 19.93 -2.97 -9.19
CA THR A 64 20.53 -1.84 -8.47
C THR A 64 20.94 -0.71 -9.43
N GLN A 65 21.52 -1.05 -10.57
CA GLN A 65 21.88 -0.02 -11.57
C GLN A 65 20.65 0.74 -12.07
N ILE A 66 19.56 0.01 -12.33
CA ILE A 66 18.28 0.61 -12.73
C ILE A 66 17.76 1.56 -11.64
N CYS A 67 17.80 1.13 -10.38
CA CYS A 67 17.30 2.01 -9.30
C CYS A 67 18.13 3.30 -9.17
N LYS A 68 19.46 3.15 -9.19
CA LYS A 68 20.33 4.32 -9.10
C LYS A 68 20.10 5.26 -10.28
N ALA A 69 19.95 4.70 -11.48
CA ALA A 69 19.77 5.48 -12.71
C ALA A 69 18.42 6.24 -12.69
N LYS A 70 17.39 5.56 -12.18
CA LYS A 70 16.06 6.14 -12.02
C LYS A 70 16.10 7.28 -11.01
N ALA A 71 16.79 7.08 -9.90
CA ALA A 71 16.99 8.14 -8.90
C ALA A 71 17.63 9.37 -9.58
N GLN A 72 18.68 9.16 -10.38
CA GLN A 72 19.28 10.30 -11.10
C GLN A 72 18.30 11.01 -12.06
N THR A 73 17.52 10.26 -12.84
CA THR A 73 16.59 10.89 -13.79
C THR A 73 15.51 11.68 -13.07
N ASP A 74 15.08 11.19 -11.90
CA ASP A 74 14.08 11.89 -11.10
C ASP A 74 14.68 13.17 -10.52
N ARG A 75 15.96 13.15 -10.12
CA ARG A 75 16.61 14.41 -9.65
C ARG A 75 16.63 15.47 -10.76
N GLU A 76 16.98 15.04 -11.97
CA GLU A 76 16.98 15.96 -13.12
C GLU A 76 15.57 16.47 -13.40
N ASP A 77 14.58 15.56 -13.35
CA ASP A 77 13.19 15.91 -13.66
C ASP A 77 12.61 16.87 -12.64
N LEU A 78 12.95 16.69 -11.37
CA LEU A 78 12.47 17.66 -10.34
C LEU A 78 12.94 19.07 -10.71
N ARG A 79 14.20 19.21 -11.10
CA ARG A 79 14.71 20.51 -11.47
C ARG A 79 14.01 21.03 -12.73
N THR A 80 13.78 20.16 -13.72
CA THR A 80 13.06 20.56 -14.94
C THR A 80 11.64 21.06 -14.61
N LEU A 81 10.93 20.34 -13.73
CA LEU A 81 9.53 20.68 -13.43
C LEU A 81 9.41 22.00 -12.68
N LEU A 82 10.42 22.36 -11.90
CA LEU A 82 10.42 23.73 -11.32
C LEU A 82 10.37 24.76 -12.43
N ARG A 83 11.07 24.49 -13.54
CA ARG A 83 11.03 25.43 -14.68
C ARG A 83 9.65 25.37 -15.36
N TYR A 84 9.15 24.15 -15.62
CA TYR A 84 7.84 24.03 -16.28
C TYR A 84 6.72 24.74 -15.51
N TYR A 85 6.72 24.57 -14.18
CA TYR A 85 5.70 25.21 -13.32
C TYR A 85 6.06 26.57 -12.75
N ASN A 86 7.18 27.14 -13.16
CA ASN A 86 7.68 28.42 -12.61
C ASN A 86 7.65 28.41 -11.09
N GLN A 87 8.25 27.37 -10.51
CA GLN A 87 8.30 27.25 -9.05
C GLN A 87 9.70 27.58 -8.53
N SER A 88 9.76 28.08 -7.30
CA SER A 88 11.03 28.48 -6.70
C SER A 88 11.73 27.23 -6.20
N GLU A 89 12.99 27.38 -5.79
CA GLU A 89 13.77 26.29 -5.19
C GLU A 89 13.49 26.13 -3.67
N ALA A 90 12.49 26.85 -3.16
CA ALA A 90 12.18 26.89 -1.73
C ALA A 90 11.40 25.68 -1.20
N GLY A 91 10.54 25.11 -2.03
CA GLY A 91 9.64 24.07 -1.56
C GLY A 91 10.08 22.66 -1.85
N SER A 92 9.52 21.72 -1.07
CA SER A 92 9.65 20.29 -1.33
C SER A 92 8.62 19.85 -2.36
N HIS A 93 9.03 19.02 -3.31
CA HIS A 93 8.14 18.55 -4.36
C HIS A 93 8.33 17.08 -4.54
N THR A 94 7.33 16.44 -5.13
CA THR A 94 7.21 15.00 -5.16
C THR A 94 6.96 14.51 -6.57
N LEU A 95 7.76 13.54 -7.00
CA LEU A 95 7.46 12.79 -8.22
C LEU A 95 7.18 11.36 -7.91
N GLN A 96 6.07 10.86 -8.44
CA GLN A 96 5.73 9.45 -8.28
C GLN A 96 5.57 8.79 -9.63
N ASN A 97 5.95 7.54 -9.73
CA ASN A 97 5.71 6.74 -10.93
C ASN A 97 5.38 5.32 -10.55
N MET A 98 4.41 4.76 -11.28
CA MET A 98 4.05 3.36 -11.13
C MET A 98 3.96 2.74 -12.52
N TYR A 99 4.50 1.54 -12.65
CA TYR A 99 4.34 0.75 -13.86
C TYR A 99 4.20 -0.73 -13.58
N GLY A 100 3.64 -1.46 -14.53
CA GLY A 100 3.52 -2.89 -14.34
C GLY A 100 2.43 -3.50 -15.19
N CYS A 101 2.08 -4.73 -14.89
CA CYS A 101 1.17 -5.49 -15.73
C CYS A 101 0.17 -6.30 -14.91
N ASP A 102 -1.04 -6.45 -15.46
CA ASP A 102 -2.08 -7.33 -14.92
C ASP A 102 -2.18 -8.48 -15.91
N VAL A 103 -2.22 -9.72 -15.41
CA VAL A 103 -2.40 -10.90 -16.28
C VAL A 103 -3.59 -11.74 -15.84
N GLY A 104 -4.18 -12.49 -16.76
CA GLY A 104 -5.29 -13.39 -16.42
C GLY A 104 -4.82 -14.75 -15.91
N PRO A 105 -5.76 -15.66 -15.60
CA PRO A 105 -5.34 -16.97 -15.10
C PRO A 105 -4.44 -17.74 -16.10
N ASP A 106 -4.55 -17.42 -17.38
CA ASP A 106 -3.68 -17.99 -18.43
C ASP A 106 -2.31 -17.31 -18.57
N GLY A 107 -2.06 -16.29 -17.76
CA GLY A 107 -0.79 -15.60 -17.81
C GLY A 107 -0.63 -14.67 -19.00
N ARG A 108 -1.74 -14.38 -19.68
CA ARG A 108 -1.73 -13.40 -20.79
C ARG A 108 -1.98 -11.99 -20.27
N LEU A 109 -1.34 -10.99 -20.89
CA LEU A 109 -1.52 -9.58 -20.52
C LEU A 109 -2.99 -9.15 -20.63
N LEU A 110 -3.54 -8.64 -19.54
CA LEU A 110 -4.88 -8.05 -19.54
C LEU A 110 -4.77 -6.54 -19.68
N ARG A 111 -3.83 -5.94 -18.96
CA ARG A 111 -3.61 -4.50 -19.02
C ARG A 111 -2.19 -4.14 -18.56
N GLY A 112 -1.54 -3.24 -19.29
CA GLY A 112 -0.27 -2.66 -18.84
C GLY A 112 -0.46 -1.24 -18.30
N TYR A 113 0.43 -0.83 -17.41
CA TYR A 113 0.38 0.51 -16.80
C TYR A 113 1.73 1.19 -16.84
N HIS A 114 1.71 2.51 -17.07
CA HIS A 114 2.86 3.36 -16.80
C HIS A 114 2.31 4.74 -16.54
N GLN A 115 2.41 5.21 -15.30
CA GLN A 115 1.78 6.51 -14.99
C GLN A 115 2.52 7.25 -13.89
N ASP A 116 2.44 8.57 -13.98
CA ASP A 116 3.25 9.50 -13.18
C ASP A 116 2.37 10.53 -12.47
N ALA A 117 2.88 11.07 -11.36
CA ALA A 117 2.22 12.13 -10.63
C ALA A 117 3.26 13.14 -10.11
N TYR A 118 2.88 14.41 -10.07
CA TYR A 118 3.70 15.49 -9.51
C TYR A 118 2.93 16.18 -8.40
N ASP A 119 3.56 16.24 -7.22
CA ASP A 119 2.91 16.82 -6.04
C ASP A 119 1.53 16.20 -5.80
N GLY A 120 1.45 14.90 -6.02
CA GLY A 120 0.27 14.10 -5.65
C GLY A 120 -0.88 14.14 -6.63
N LYS A 121 -0.70 14.84 -7.76
CA LYS A 121 -1.74 14.88 -8.79
C LYS A 121 -1.23 14.34 -10.15
N ASP A 122 -2.15 13.77 -10.93
CA ASP A 122 -1.84 13.18 -12.24
C ASP A 122 -0.98 14.13 -13.05
N TYR A 123 0.08 13.56 -13.63
CA TYR A 123 0.98 14.27 -14.51
C TYR A 123 0.81 13.73 -15.93
N ILE A 124 1.34 12.54 -16.17
CA ILE A 124 1.14 11.89 -17.48
C ILE A 124 0.93 10.40 -17.31
N ALA A 125 0.04 9.84 -18.13
CA ALA A 125 -0.31 8.42 -18.05
C ALA A 125 -0.31 7.77 -19.43
N LEU A 126 0.30 6.58 -19.51
CA LEU A 126 0.13 5.74 -20.71
C LEU A 126 -1.27 5.17 -20.75
N ASN A 127 -1.99 5.39 -21.87
CA ASN A 127 -3.34 4.85 -22.05
C ASN A 127 -3.37 3.33 -22.21
N GLU A 128 -4.54 2.73 -22.01
CA GLU A 128 -4.68 1.28 -22.03
C GLU A 128 -4.25 0.69 -23.38
N ASP A 129 -4.38 1.48 -24.46
CA ASP A 129 -3.94 1.06 -25.79
C ASP A 129 -2.41 0.84 -25.89
N LEU A 130 -1.68 1.32 -24.89
CA LEU A 130 -0.21 1.29 -24.85
C LEU A 130 0.45 2.01 -26.03
N SER A 131 -0.27 2.97 -26.61
CA SER A 131 0.27 3.69 -27.75
C SER A 131 0.05 5.20 -27.69
N SER A 132 -0.67 5.67 -26.67
CA SER A 132 -1.06 7.07 -26.54
C SER A 132 -1.05 7.51 -25.08
N TRP A 133 -1.03 8.82 -24.85
CA TRP A 133 -0.80 9.39 -23.53
C TRP A 133 -1.97 10.25 -23.09
N THR A 134 -2.22 10.28 -21.79
CA THR A 134 -3.08 11.31 -21.19
C THR A 134 -2.19 12.23 -20.35
N ALA A 135 -2.05 13.47 -20.81
CA ALA A 135 -1.25 14.49 -20.12
C ALA A 135 -2.17 15.44 -19.38
N ALA A 136 -1.96 15.59 -18.08
CA ALA A 136 -2.93 16.28 -17.22
C ALA A 136 -2.96 17.81 -17.29
N ASP A 137 -1.84 18.43 -17.67
CA ASP A 137 -1.74 19.88 -17.68
C ASP A 137 -0.77 20.39 -18.77
N THR A 138 -0.54 21.69 -18.88
CA THR A 138 0.35 22.18 -19.96
C THR A 138 1.82 21.74 -19.78
N ALA A 139 2.28 21.53 -18.54
CA ALA A 139 3.66 21.02 -18.33
C ALA A 139 3.78 19.60 -18.87
N ALA A 140 2.83 18.75 -18.52
CA ALA A 140 2.88 17.37 -18.97
C ALA A 140 2.76 17.24 -20.48
N GLN A 141 2.18 18.25 -21.13
CA GLN A 141 2.13 18.26 -22.60
C GLN A 141 3.54 18.41 -23.23
N ILE A 142 4.43 19.15 -22.56
CA ILE A 142 5.81 19.25 -23.00
C ILE A 142 6.47 17.86 -22.93
N THR A 143 6.29 17.19 -21.79
CA THR A 143 6.80 15.82 -21.63
C THR A 143 6.18 14.90 -22.71
N GLN A 144 4.88 15.03 -22.96
CA GLN A 144 4.23 14.18 -23.96
C GLN A 144 4.88 14.33 -25.34
N ARG A 145 5.19 15.57 -25.72
CA ARG A 145 5.80 15.82 -27.03
C ARG A 145 7.20 15.17 -27.11
N LYS A 146 7.98 15.31 -26.04
CA LYS A 146 9.30 14.66 -25.96
C LYS A 146 9.19 13.13 -26.05
N TRP A 147 8.22 12.58 -25.32
CA TRP A 147 8.05 11.14 -25.29
C TRP A 147 7.48 10.56 -26.59
N GLU A 148 6.67 11.36 -27.32
CA GLU A 148 6.18 10.92 -28.61
CA GLU A 148 6.18 10.93 -28.63
C GLU A 148 7.35 10.84 -29.60
N ALA A 149 8.20 11.87 -29.60
CA ALA A 149 9.38 11.91 -30.50
C ALA A 149 10.24 10.68 -30.30
N ALA A 150 10.43 10.30 -29.03
CA ALA A 150 11.36 9.24 -28.67
C ALA A 150 10.72 7.84 -28.66
N ARG A 151 9.44 7.79 -29.07
CA ARG A 151 8.66 6.53 -29.16
C ARG A 151 8.68 5.78 -27.81
N VAL A 152 8.49 6.52 -26.74
CA VAL A 152 8.46 5.94 -25.40
C VAL A 152 7.29 4.93 -25.29
N ALA A 153 6.13 5.30 -25.78
CA ALA A 153 4.95 4.41 -25.69
C ALA A 153 5.23 3.03 -26.35
N GLU A 154 5.88 3.04 -27.52
CA GLU A 154 6.20 1.79 -28.22
C GLU A 154 7.18 0.92 -27.41
N GLN A 155 8.13 1.57 -26.75
CA GLN A 155 9.10 0.89 -25.93
C GLN A 155 8.46 0.32 -24.67
N LEU A 156 7.51 1.04 -24.08
CA LEU A 156 6.79 0.57 -22.90
C LEU A 156 5.90 -0.59 -23.29
N ARG A 157 5.28 -0.48 -24.45
CA ARG A 157 4.49 -1.61 -24.94
C ARG A 157 5.31 -2.90 -25.00
N ALA A 158 6.50 -2.83 -25.59
CA ALA A 158 7.39 -3.99 -25.72
C ALA A 158 7.81 -4.57 -24.36
N TYR A 159 8.14 -3.68 -23.42
CA TYR A 159 8.44 -4.09 -22.05
C TYR A 159 7.25 -4.77 -21.34
N LEU A 160 6.10 -4.10 -21.36
CA LEU A 160 4.92 -4.54 -20.61
C LEU A 160 4.33 -5.85 -21.14
N GLU A 161 4.32 -5.99 -22.47
CA GLU A 161 3.80 -7.22 -23.11
C GLU A 161 4.77 -8.41 -23.03
N GLY A 162 6.06 -8.12 -22.86
CA GLY A 162 7.12 -9.13 -22.91
C GLY A 162 7.72 -9.39 -21.54
N GLU A 163 8.78 -8.65 -21.22
CA GLU A 163 9.52 -8.78 -19.95
C GLU A 163 8.62 -8.82 -18.72
N CYS A 164 7.68 -7.87 -18.65
CA CYS A 164 6.81 -7.77 -17.47
C CYS A 164 6.00 -9.06 -17.25
N VAL A 165 5.28 -9.51 -18.27
CA VAL A 165 4.48 -10.74 -18.18
C VAL A 165 5.36 -11.97 -17.92
N GLU A 166 6.54 -12.00 -18.53
CA GLU A 166 7.40 -13.21 -18.41
C GLU A 166 8.06 -13.33 -17.05
N TRP A 167 8.59 -12.22 -16.56
CA TRP A 167 9.15 -12.23 -15.22
C TRP A 167 8.05 -12.50 -14.18
N LEU A 168 6.88 -11.90 -14.35
CA LEU A 168 5.74 -12.26 -13.48
C LEU A 168 5.43 -13.76 -13.50
N ARG A 169 5.40 -14.34 -14.69
CA ARG A 169 5.14 -15.76 -14.82
C ARG A 169 6.22 -16.53 -14.03
N ARG A 170 7.48 -16.13 -14.22
CA ARG A 170 8.59 -16.77 -13.50
C ARG A 170 8.42 -16.69 -11.97
N TYR A 171 8.14 -15.48 -11.47
CA TYR A 171 7.99 -15.30 -10.01
C TYR A 171 6.84 -16.12 -9.43
N LEU A 172 5.69 -16.09 -10.10
CA LEU A 172 4.54 -16.93 -9.72
C LEU A 172 4.88 -18.42 -9.56
N GLU A 173 5.62 -18.98 -10.52
CA GLU A 173 6.08 -20.37 -10.41
C GLU A 173 7.09 -20.57 -9.29
N ASN A 174 8.09 -19.70 -9.22
CA ASN A 174 9.12 -19.82 -8.18
C ASN A 174 8.52 -19.70 -6.78
N GLY A 175 7.58 -18.77 -6.64
CA GLY A 175 6.90 -18.53 -5.36
C GLY A 175 5.55 -19.23 -5.19
N LYS A 176 5.30 -20.28 -5.98
CA LYS A 176 3.94 -20.85 -6.06
C LYS A 176 3.35 -21.31 -4.73
N GLU A 177 4.20 -21.82 -3.82
CA GLU A 177 3.69 -22.36 -2.57
C GLU A 177 3.11 -21.30 -1.67
N THR A 178 3.47 -20.03 -1.89
CA THR A 178 2.89 -18.93 -1.12
C THR A 178 2.07 -17.97 -2.00
N LEU A 179 2.58 -17.62 -3.18
CA LEU A 179 1.86 -16.74 -4.10
C LEU A 179 0.57 -17.31 -4.67
N GLN A 180 0.49 -18.62 -4.83
CA GLN A 180 -0.65 -19.24 -5.51
C GLN A 180 -1.45 -20.12 -4.57
N ARG A 181 -1.33 -19.84 -3.28
CA ARG A 181 -2.10 -20.53 -2.24
C ARG A 181 -2.79 -19.44 -1.43
N ALA A 182 -4.04 -19.14 -1.78
CA ALA A 182 -4.81 -18.14 -1.06
C ALA A 182 -5.14 -18.61 0.35
N ASP A 183 -4.90 -17.72 1.31
CA ASP A 183 -5.22 -17.99 2.71
C ASP A 183 -6.61 -17.37 2.98
N PRO A 184 -7.64 -18.20 3.20
CA PRO A 184 -8.97 -17.67 3.50
C PRO A 184 -8.98 -16.94 4.85
N PRO A 185 -9.91 -15.98 5.04
CA PRO A 185 -9.89 -15.31 6.33
C PRO A 185 -10.34 -16.24 7.43
N LYS A 186 -9.84 -16.01 8.64
CA LYS A 186 -10.43 -16.56 9.83
C LYS A 186 -11.46 -15.52 10.28
N THR A 187 -12.69 -15.96 10.50
CA THR A 187 -13.79 -15.05 10.78
C THR A 187 -14.53 -15.32 12.09
N HIS A 188 -14.99 -14.23 12.70
CA HIS A 188 -15.91 -14.32 13.83
C HIS A 188 -16.72 -13.03 13.99
N VAL A 189 -17.85 -13.13 14.71
CA VAL A 189 -18.72 -11.97 14.89
C VAL A 189 -18.73 -11.66 16.37
N THR A 190 -18.48 -10.40 16.72
CA THR A 190 -18.53 -9.97 18.11
C THR A 190 -19.71 -9.04 18.38
N HIS A 191 -20.12 -9.00 19.65
CA HIS A 191 -21.28 -8.27 20.12
C HIS A 191 -20.83 -7.33 21.25
N HIS A 192 -21.24 -6.06 21.19
CA HIS A 192 -20.84 -5.04 22.19
C HIS A 192 -22.00 -4.11 22.56
N PRO A 193 -22.64 -4.33 23.72
CA PRO A 193 -23.68 -3.40 24.18
C PRO A 193 -23.21 -1.94 24.25
N ILE A 194 -24.02 -1.03 23.71
CA ILE A 194 -23.82 0.42 23.83
C ILE A 194 -24.70 0.96 24.96
N SER A 195 -25.92 0.44 25.04
CA SER A 195 -26.89 0.80 26.06
C SER A 195 -27.78 -0.41 26.35
N ASP A 196 -28.89 -0.17 27.06
CA ASP A 196 -29.86 -1.22 27.35
C ASP A 196 -30.66 -1.58 26.09
N HIS A 197 -30.68 -0.68 25.10
CA HIS A 197 -31.51 -0.87 23.91
C HIS A 197 -30.78 -1.13 22.58
N GLU A 198 -29.46 -0.97 22.55
CA GLU A 198 -28.72 -1.31 21.34
C GLU A 198 -27.29 -1.87 21.56
N ALA A 199 -26.72 -2.42 20.49
CA ALA A 199 -25.44 -3.10 20.54
C ALA A 199 -24.75 -3.06 19.18
N THR A 200 -23.42 -3.13 19.19
CA THR A 200 -22.62 -3.18 17.98
C THR A 200 -22.34 -4.65 17.62
N LEU A 201 -22.56 -4.98 16.35
CA LEU A 201 -22.10 -6.25 15.82
C LEU A 201 -20.92 -5.92 14.95
N ARG A 202 -19.80 -6.59 15.21
CA ARG A 202 -18.61 -6.39 14.40
C ARG A 202 -18.21 -7.72 13.74
N CYS A 203 -18.12 -7.72 12.42
CA CYS A 203 -17.71 -8.88 11.66
C CYS A 203 -16.21 -8.78 11.34
N TRP A 204 -15.44 -9.75 11.80
CA TRP A 204 -13.97 -9.76 11.65
C TRP A 204 -13.49 -10.73 10.56
N ALA A 205 -12.49 -10.31 9.79
CA ALA A 205 -11.79 -11.16 8.83
C ALA A 205 -10.30 -11.01 9.09
N LEU A 206 -9.64 -12.10 9.47
CA LEU A 206 -8.23 -12.06 9.87
C LEU A 206 -7.35 -13.07 9.11
N GLY A 207 -6.08 -12.72 8.94
CA GLY A 207 -5.05 -13.63 8.39
C GLY A 207 -5.30 -14.07 6.96
N PHE A 208 -5.84 -13.17 6.14
CA PHE A 208 -6.20 -13.54 4.79
C PHE A 208 -5.21 -13.01 3.76
N TYR A 209 -5.15 -13.69 2.62
CA TYR A 209 -4.27 -13.30 1.52
C TYR A 209 -4.86 -13.88 0.24
N PRO A 210 -4.99 -13.08 -0.84
CA PRO A 210 -4.62 -11.68 -1.04
C PRO A 210 -5.52 -10.67 -0.30
N ALA A 211 -5.24 -9.38 -0.49
CA ALA A 211 -5.92 -8.33 0.25
C ALA A 211 -7.36 -8.12 -0.16
N GLU A 212 -7.68 -8.39 -1.43
CA GLU A 212 -9.05 -8.21 -1.92
C GLU A 212 -10.08 -9.07 -1.15
N ILE A 213 -11.08 -8.40 -0.59
CA ILE A 213 -12.12 -9.04 0.21
C ILE A 213 -13.38 -8.15 0.14
N THR A 214 -14.54 -8.78 0.27
CA THR A 214 -15.80 -8.08 0.43
C THR A 214 -16.45 -8.51 1.76
N LEU A 215 -16.71 -7.53 2.62
CA LEU A 215 -17.31 -7.74 3.92
C LEU A 215 -18.54 -6.85 3.97
N THR A 216 -19.73 -7.45 4.09
CA THR A 216 -21.01 -6.74 4.02
C THR A 216 -21.96 -7.21 5.12
N TRP A 217 -22.65 -6.27 5.75
CA TRP A 217 -23.75 -6.61 6.65
C TRP A 217 -25.07 -6.51 5.89
N GLN A 218 -25.93 -7.51 6.09
CA GLN A 218 -27.30 -7.48 5.58
C GLN A 218 -28.29 -7.54 6.72
N ARG A 219 -29.40 -6.82 6.56
CA ARG A 219 -30.55 -6.98 7.44
C ARG A 219 -31.73 -7.56 6.65
N ASP A 220 -32.30 -8.65 7.15
CA ASP A 220 -33.37 -9.37 6.44
C ASP A 220 -33.00 -9.62 4.96
N GLY A 221 -31.76 -10.03 4.72
CA GLY A 221 -31.26 -10.27 3.37
C GLY A 221 -30.95 -9.06 2.49
N GLU A 222 -31.02 -7.85 3.03
CA GLU A 222 -30.73 -6.64 2.24
C GLU A 222 -29.46 -5.90 2.74
N ASP A 223 -28.60 -5.49 1.80
CA ASP A 223 -27.35 -4.78 2.13
C ASP A 223 -27.57 -3.49 2.91
N GLN A 224 -26.78 -3.30 3.96
CA GLN A 224 -26.88 -2.13 4.85
C GLN A 224 -25.70 -1.18 4.64
N THR A 225 -25.50 -0.71 3.42
CA THR A 225 -24.29 0.06 3.09
C THR A 225 -24.20 1.34 3.91
N GLN A 226 -25.32 2.07 3.99
CA GLN A 226 -25.39 3.32 4.73
C GLN A 226 -24.99 3.21 6.21
N ASP A 227 -25.46 2.16 6.89
CA ASP A 227 -25.29 2.02 8.34
C ASP A 227 -24.04 1.23 8.77
N THR A 228 -23.25 0.78 7.79
CA THR A 228 -22.08 -0.07 8.04
C THR A 228 -20.79 0.75 8.17
N GLU A 229 -20.13 0.65 9.31
CA GLU A 229 -18.78 1.19 9.43
C GLU A 229 -17.78 0.13 9.00
N LEU A 230 -16.97 0.46 7.99
CA LEU A 230 -16.07 -0.47 7.35
C LEU A 230 -14.65 0.11 7.36
N VAL A 231 -13.70 -0.54 8.03
CA VAL A 231 -12.32 -0.03 8.06
C VAL A 231 -11.53 -0.44 6.83
N GLU A 232 -10.54 0.38 6.45
CA GLU A 232 -9.65 0.06 5.35
C GLU A 232 -8.97 -1.28 5.69
N THR A 233 -8.88 -2.16 4.69
CA THR A 233 -8.08 -3.37 4.83
C THR A 233 -6.67 -2.97 5.26
N ARG A 234 -6.10 -3.69 6.22
CA ARG A 234 -4.82 -3.34 6.83
C ARG A 234 -3.87 -4.55 6.90
N PRO A 235 -2.54 -4.32 6.73
CA PRO A 235 -1.56 -5.39 6.81
C PRO A 235 -1.31 -5.81 8.26
N ALA A 236 -1.26 -7.12 8.45
CA ALA A 236 -0.99 -7.69 9.76
C ALA A 236 0.51 -7.58 10.04
N GLY A 237 1.30 -7.49 8.96
CA GLY A 237 2.76 -7.40 9.06
C GLY A 237 3.47 -8.73 8.88
N ASP A 238 2.70 -9.78 8.58
CA ASP A 238 3.26 -11.11 8.35
C ASP A 238 2.85 -11.58 6.94
N ARG A 239 2.59 -10.59 6.08
CA ARG A 239 2.15 -10.75 4.69
C ARG A 239 0.63 -11.02 4.50
N THR A 240 -0.09 -11.24 5.61
CA THR A 240 -1.56 -11.40 5.54
C THR A 240 -2.28 -10.09 5.88
N PHE A 241 -3.60 -10.08 5.73
CA PHE A 241 -4.38 -8.86 5.93
C PHE A 241 -5.53 -9.01 6.93
N GLN A 242 -6.10 -7.86 7.34
CA GLN A 242 -7.18 -7.80 8.33
C GLN A 242 -8.23 -6.78 7.87
N LYS A 243 -9.48 -7.03 8.23
CA LYS A 243 -10.56 -6.06 7.97
C LYS A 243 -11.73 -6.34 8.89
N TRP A 244 -12.48 -5.31 9.25
CA TRP A 244 -13.76 -5.52 9.93
C TRP A 244 -14.88 -4.62 9.43
N ALA A 245 -16.11 -5.00 9.74
CA ALA A 245 -17.36 -4.27 9.43
C ALA A 245 -18.27 -4.33 10.62
N ALA A 246 -18.88 -3.20 10.96
CA ALA A 246 -19.71 -3.14 12.16
C ALA A 246 -21.03 -2.45 11.84
N VAL A 247 -22.11 -2.94 12.45
CA VAL A 247 -23.41 -2.26 12.44
C VAL A 247 -23.93 -2.10 13.87
N VAL A 248 -24.72 -1.05 14.10
CA VAL A 248 -25.43 -0.89 15.37
C VAL A 248 -26.89 -1.35 15.26
N VAL A 249 -27.28 -2.27 16.14
CA VAL A 249 -28.56 -2.97 16.03
C VAL A 249 -29.38 -2.87 17.31
N PRO A 250 -30.72 -2.91 17.21
CA PRO A 250 -31.56 -2.91 18.42
C PRO A 250 -31.38 -4.20 19.21
N SER A 251 -31.39 -4.09 20.54
CA SER A 251 -31.32 -5.27 21.42
C SER A 251 -32.37 -6.32 21.08
N GLY A 252 -31.93 -7.55 20.82
CA GLY A 252 -32.85 -8.62 20.51
C GLY A 252 -33.16 -8.80 19.03
N GLU A 253 -32.65 -7.92 18.20
CA GLU A 253 -32.83 -8.04 16.75
C GLU A 253 -31.59 -8.56 16.04
N GLU A 254 -30.69 -9.19 16.81
CA GLU A 254 -29.38 -9.55 16.28
C GLU A 254 -29.47 -10.63 15.21
N GLN A 255 -30.44 -11.54 15.35
CA GLN A 255 -30.63 -12.61 14.38
C GLN A 255 -31.07 -12.15 12.98
N ARG A 256 -31.56 -10.92 12.88
CA ARG A 256 -31.87 -10.32 11.56
C ARG A 256 -30.64 -9.97 10.72
N TYR A 257 -29.44 -9.94 11.34
CA TYR A 257 -28.23 -9.46 10.68
C TYR A 257 -27.28 -10.59 10.33
N THR A 258 -26.82 -10.58 9.09
CA THR A 258 -25.88 -11.58 8.60
C THR A 258 -24.70 -10.87 8.02
N CYS A 259 -23.50 -11.37 8.30
CA CYS A 259 -22.31 -10.83 7.67
C CYS A 259 -21.87 -11.74 6.52
N HIS A 260 -21.64 -11.13 5.37
CA HIS A 260 -21.33 -11.88 4.14
C HIS A 260 -19.89 -11.63 3.77
N VAL A 261 -19.13 -12.71 3.60
CA VAL A 261 -17.70 -12.63 3.32
C VAL A 261 -17.39 -13.30 1.98
N GLN A 262 -16.76 -12.55 1.09
CA GLN A 262 -16.28 -13.09 -0.18
C GLN A 262 -14.78 -12.92 -0.21
N HIS A 263 -14.08 -13.99 -0.58
CA HIS A 263 -12.64 -14.00 -0.70
C HIS A 263 -12.25 -15.19 -1.55
N GLU A 264 -11.22 -15.06 -2.36
CA GLU A 264 -10.91 -16.15 -3.29
C GLU A 264 -10.43 -17.44 -2.60
N GLY A 265 -9.90 -17.30 -1.39
CA GLY A 265 -9.47 -18.45 -0.59
C GLY A 265 -10.58 -19.30 0.03
N LEU A 266 -11.81 -18.78 0.02
CA LEU A 266 -12.96 -19.55 0.54
C LEU A 266 -13.53 -20.45 -0.55
N PRO A 267 -13.77 -21.73 -0.21
CA PRO A 267 -14.49 -22.64 -1.12
C PRO A 267 -15.84 -22.04 -1.55
N LYS A 268 -16.56 -21.47 -0.57
CA LYS A 268 -17.87 -20.85 -0.76
C LYS A 268 -17.90 -19.55 0.05
N PRO A 269 -18.56 -18.48 -0.49
CA PRO A 269 -18.81 -17.26 0.28
C PRO A 269 -19.51 -17.57 1.60
N LEU A 270 -19.13 -16.87 2.67
CA LEU A 270 -19.66 -17.15 4.02
C LEU A 270 -20.84 -16.27 4.40
N THR A 271 -21.76 -16.84 5.16
CA THR A 271 -22.80 -16.09 5.81
C THR A 271 -22.67 -16.34 7.30
N LEU A 272 -22.32 -15.29 8.05
CA LEU A 272 -22.12 -15.39 9.49
C LEU A 272 -23.16 -14.59 10.28
N ARG A 273 -23.51 -15.13 11.45
CA ARG A 273 -24.43 -14.49 12.39
CA ARG A 273 -24.43 -14.50 12.39
C ARG A 273 -23.80 -14.51 13.78
N TRP A 274 -24.26 -13.62 14.65
CA TRP A 274 -23.80 -13.64 16.02
C TRP A 274 -24.40 -14.86 16.74
N GLU A 275 -23.54 -15.64 17.40
CA GLU A 275 -23.94 -16.84 18.19
C GLU A 275 -23.94 -16.57 19.71
N PRO A 276 -25.13 -16.34 20.32
CA PRO A 276 -25.16 -16.11 21.79
C PRO A 276 -24.89 -17.36 22.62
N MET B 1 -0.83 23.43 -3.25
CA MET B 1 -0.65 21.97 -3.04
C MET B 1 -1.92 21.41 -2.43
N ILE B 2 -2.42 20.32 -2.99
CA ILE B 2 -3.50 19.61 -2.30
C ILE B 2 -2.84 18.72 -1.23
N GLN B 3 -3.37 18.80 -0.01
CA GLN B 3 -2.85 18.04 1.09
C GLN B 3 -3.92 17.05 1.54
N ARG B 4 -3.49 15.88 1.97
CA ARG B 4 -4.42 14.86 2.45
CA ARG B 4 -4.41 14.83 2.42
C ARG B 4 -3.97 14.34 3.81
N THR B 5 -4.90 14.38 4.77
CA THR B 5 -4.61 14.01 6.13
C THR B 5 -4.53 12.49 6.34
N PRO B 6 -3.58 12.00 7.16
CA PRO B 6 -3.51 10.53 7.34
C PRO B 6 -4.70 9.88 8.02
N LYS B 7 -5.09 8.71 7.53
CA LYS B 7 -5.92 7.78 8.29
C LYS B 7 -4.97 7.01 9.19
N ILE B 8 -5.45 6.59 10.36
CA ILE B 8 -4.61 5.90 11.33
C ILE B 8 -5.35 4.71 11.91
N GLN B 9 -4.73 3.54 11.90
CA GLN B 9 -5.26 2.40 12.67
C GLN B 9 -4.16 1.81 13.54
N VAL B 10 -4.53 1.43 14.76
CA VAL B 10 -3.61 0.88 15.72
C VAL B 10 -4.19 -0.46 16.16
N TYR B 11 -3.38 -1.52 16.06
CA TYR B 11 -3.88 -2.88 16.22
C TYR B 11 -2.71 -3.85 16.38
N SER B 12 -3.01 -5.09 16.80
CA SER B 12 -1.98 -6.12 16.93
C SER B 12 -1.95 -7.09 15.76
N ARG B 13 -0.80 -7.70 15.51
CA ARG B 13 -0.67 -8.71 14.46
C ARG B 13 -1.58 -9.91 14.71
N HIS B 14 -1.60 -10.37 15.97
CA HIS B 14 -2.40 -11.52 16.41
C HIS B 14 -3.38 -11.11 17.49
N PRO B 15 -4.44 -11.93 17.71
CA PRO B 15 -5.33 -11.72 18.85
C PRO B 15 -4.52 -11.47 20.11
N ALA B 16 -4.85 -10.39 20.83
CA ALA B 16 -4.10 -10.03 22.01
C ALA B 16 -4.42 -11.00 23.15
N GLU B 17 -3.38 -11.61 23.71
CA GLU B 17 -3.49 -12.47 24.89
C GLU B 17 -2.44 -12.05 25.90
N ASN B 18 -2.89 -11.67 27.10
CA ASN B 18 -2.02 -11.06 28.10
C ASN B 18 -0.86 -11.97 28.50
N GLY B 19 0.34 -11.40 28.50
CA GLY B 19 1.57 -12.14 28.78
C GLY B 19 2.24 -12.84 27.61
N LYS B 20 1.70 -12.66 26.40
CA LYS B 20 2.19 -13.41 25.23
C LYS B 20 2.71 -12.48 24.14
N SER B 21 3.93 -12.76 23.67
CA SER B 21 4.64 -11.95 22.69
C SER B 21 3.86 -11.74 21.39
N ASN B 22 3.86 -10.51 20.88
CA ASN B 22 3.01 -10.10 19.76
C ASN B 22 3.65 -8.90 19.07
N PHE B 23 2.96 -8.34 18.06
CA PHE B 23 3.43 -7.14 17.37
C PHE B 23 2.36 -6.06 17.40
N LEU B 24 2.74 -4.85 17.83
CA LEU B 24 1.84 -3.71 17.83
C LEU B 24 2.08 -2.95 16.52
N ASN B 25 1.00 -2.67 15.81
CA ASN B 25 1.05 -2.03 14.48
C ASN B 25 0.38 -0.67 14.49
N CYS B 26 1.00 0.30 13.79
CA CYS B 26 0.32 1.53 13.46
C CYS B 26 0.41 1.74 11.95
N TYR B 27 -0.75 1.71 11.31
CA TYR B 27 -0.83 1.82 9.86
C TYR B 27 -1.35 3.20 9.51
N VAL B 28 -0.57 3.97 8.76
CA VAL B 28 -0.98 5.31 8.35
C VAL B 28 -1.13 5.32 6.83
N SER B 29 -2.24 5.87 6.34
CA SER B 29 -2.52 5.77 4.91
C SER B 29 -3.35 6.95 4.43
N GLY B 30 -3.43 7.10 3.11
CA GLY B 30 -4.29 8.11 2.51
C GLY B 30 -3.73 9.52 2.62
N PHE B 31 -2.43 9.64 2.92
CA PHE B 31 -1.86 10.97 3.17
C PHE B 31 -1.02 11.57 2.05
N HIS B 32 -0.93 12.89 2.05
CA HIS B 32 -0.04 13.64 1.15
C HIS B 32 0.22 15.03 1.75
N PRO B 33 1.48 15.52 1.72
CA PRO B 33 2.72 14.94 1.18
C PRO B 33 3.28 13.83 2.06
N SER B 34 4.40 13.26 1.65
CA SER B 34 4.88 12.01 2.24
C SER B 34 5.55 12.14 3.60
N ASP B 35 5.97 13.35 3.97
CA ASP B 35 6.66 13.55 5.25
C ASP B 35 5.69 13.29 6.39
N ILE B 36 6.07 12.42 7.32
CA ILE B 36 5.22 12.05 8.44
C ILE B 36 6.07 11.57 9.62
N GLU B 37 5.64 11.93 10.83
CA GLU B 37 6.26 11.46 12.06
C GLU B 37 5.28 10.51 12.73
N VAL B 38 5.74 9.30 13.06
CA VAL B 38 4.90 8.31 13.74
C VAL B 38 5.67 7.68 14.89
N ASP B 39 5.09 7.76 16.09
CA ASP B 39 5.66 7.09 17.26
C ASP B 39 4.67 6.09 17.87
N LEU B 40 5.20 5.01 18.42
CA LEU B 40 4.42 4.09 19.24
C LEU B 40 4.73 4.39 20.70
N LEU B 41 3.70 4.47 21.53
CA LEU B 41 3.86 4.85 22.93
C LEU B 41 3.37 3.75 23.87
N LYS B 42 4.12 3.54 24.95
CA LYS B 42 3.76 2.60 26.01
C LYS B 42 3.60 3.43 27.29
N ASN B 43 2.36 3.56 27.75
CA ASN B 43 2.00 4.40 28.88
C ASN B 43 2.48 5.85 28.74
N GLY B 44 2.22 6.45 27.59
CA GLY B 44 2.61 7.84 27.32
C GLY B 44 4.04 8.03 26.84
N GLU B 45 4.89 7.03 27.08
CA GLU B 45 6.32 7.07 26.76
C GLU B 45 6.66 6.47 25.38
N ARG B 46 7.55 7.15 24.67
CA ARG B 46 7.99 6.74 23.33
C ARG B 46 8.73 5.40 23.39
N ILE B 47 8.28 4.45 22.57
CA ILE B 47 8.91 3.14 22.45
C ILE B 47 10.19 3.25 21.61
N GLU B 48 11.27 2.65 22.11
CA GLU B 48 12.60 2.83 21.54
C GLU B 48 12.77 2.19 20.16
N LYS B 49 12.56 0.88 20.06
CA LYS B 49 12.87 0.15 18.83
C LYS B 49 11.61 -0.05 18.00
N VAL B 50 11.35 0.88 17.09
CA VAL B 50 10.17 0.82 16.22
C VAL B 50 10.65 0.74 14.76
N GLU B 51 10.18 -0.26 14.03
CA GLU B 51 10.54 -0.42 12.62
CA GLU B 51 10.53 -0.43 12.62
C GLU B 51 9.42 0.11 11.74
N HIS B 52 9.72 0.30 10.46
CA HIS B 52 8.67 0.71 9.51
C HIS B 52 8.90 0.18 8.09
N SER B 53 7.80 0.04 7.35
CA SER B 53 7.85 -0.42 5.97
C SER B 53 8.42 0.73 5.13
N ASP B 54 8.88 0.40 3.92
CA ASP B 54 9.30 1.43 2.99
C ASP B 54 8.11 2.12 2.35
N LEU B 55 8.20 3.44 2.23
CA LEU B 55 7.19 4.28 1.53
C LEU B 55 6.66 3.71 0.22
N SER B 56 5.34 3.60 0.15
CA SER B 56 4.66 3.16 -1.04
C SER B 56 3.36 3.98 -1.14
N PHE B 57 2.57 3.72 -2.17
CA PHE B 57 1.36 4.49 -2.42
C PHE B 57 0.29 3.70 -3.14
N SER B 58 -0.93 4.22 -3.05
CA SER B 58 -2.11 3.59 -3.62
C SER B 58 -2.37 4.11 -5.02
N LYS B 59 -3.35 3.51 -5.69
CA LYS B 59 -3.81 3.95 -7.01
C LYS B 59 -4.04 5.44 -7.12
N ASP B 60 -4.58 6.05 -6.06
CA ASP B 60 -4.88 7.49 -6.06
C ASP B 60 -3.69 8.38 -5.67
N TRP B 61 -2.49 7.79 -5.61
CA TRP B 61 -1.21 8.46 -5.30
C TRP B 61 -0.94 8.71 -3.81
N SER B 62 -1.92 8.45 -2.95
CA SER B 62 -1.76 8.75 -1.52
C SER B 62 -0.85 7.68 -0.90
N PHE B 63 -0.04 8.11 0.06
CA PHE B 63 0.99 7.27 0.63
C PHE B 63 0.46 6.40 1.78
N TYR B 64 1.18 5.31 2.08
CA TYR B 64 0.89 4.50 3.25
C TYR B 64 2.17 3.95 3.82
N LEU B 65 2.17 3.70 5.13
CA LEU B 65 3.33 3.17 5.85
C LEU B 65 2.82 2.33 6.99
N LEU B 66 3.55 1.27 7.32
CA LEU B 66 3.26 0.48 8.51
C LEU B 66 4.40 0.62 9.51
N TYR B 67 4.08 1.05 10.75
CA TYR B 67 5.06 1.09 11.83
C TYR B 67 4.75 0.00 12.85
N TYR B 68 5.79 -0.65 13.35
CA TYR B 68 5.58 -1.86 14.16
C TYR B 68 6.72 -2.16 15.11
N THR B 69 6.38 -2.83 16.20
CA THR B 69 7.32 -3.17 17.23
C THR B 69 6.83 -4.43 17.95
N GLU B 70 7.78 -5.28 18.32
CA GLU B 70 7.48 -6.48 19.09
C GLU B 70 7.06 -6.04 20.51
N PHE B 71 5.95 -6.57 21.01
CA PHE B 71 5.47 -6.22 22.36
C PHE B 71 4.74 -7.36 23.08
N THR B 72 4.61 -7.21 24.39
CA THR B 72 3.85 -8.16 25.19
C THR B 72 2.73 -7.43 25.91
N PRO B 73 1.48 -7.61 25.43
CA PRO B 73 0.35 -6.93 26.06
C PRO B 73 0.10 -7.48 27.46
N THR B 74 -0.21 -6.60 28.39
CA THR B 74 -0.62 -7.00 29.74
C THR B 74 -1.98 -6.36 30.02
N GLU B 75 -2.52 -6.60 31.21
CA GLU B 75 -3.85 -6.10 31.57
C GLU B 75 -3.85 -4.57 31.72
N LYS B 76 -2.85 -4.02 32.41
CA LYS B 76 -2.82 -2.60 32.77
C LYS B 76 -2.09 -1.68 31.78
N ASP B 77 -1.13 -2.23 31.03
CA ASP B 77 -0.31 -1.45 30.10
C ASP B 77 -1.14 -0.84 28.97
N GLU B 78 -0.94 0.46 28.75
CA GLU B 78 -1.61 1.17 27.68
C GLU B 78 -0.65 1.41 26.51
N TYR B 79 -1.18 1.32 25.31
CA TYR B 79 -0.43 1.57 24.09
C TYR B 79 -1.19 2.52 23.20
N ALA B 80 -0.44 3.29 22.39
CA ALA B 80 -1.01 4.28 21.50
C ALA B 80 -0.03 4.57 20.37
N CYS B 81 -0.52 5.23 19.33
CA CYS B 81 0.32 5.64 18.23
C CYS B 81 0.13 7.14 18.12
N ARG B 82 1.23 7.89 18.02
CA ARG B 82 1.17 9.34 17.87
C ARG B 82 1.66 9.72 16.47
N VAL B 83 0.83 10.48 15.75
CA VAL B 83 1.07 10.83 14.34
C VAL B 83 1.05 12.35 14.13
N ASN B 84 2.11 12.88 13.51
CA ASN B 84 2.16 14.28 13.13
C ASN B 84 2.38 14.41 11.64
N HIS B 85 1.67 15.38 11.05
CA HIS B 85 1.65 15.59 9.61
C HIS B 85 1.35 17.05 9.39
N VAL B 86 1.70 17.59 8.22
CA VAL B 86 1.48 19.02 7.96
C VAL B 86 0.00 19.40 8.05
N THR B 87 -0.87 18.44 7.80
CA THR B 87 -2.32 18.68 7.87
C THR B 87 -2.88 18.79 9.27
N LEU B 88 -2.07 18.50 10.29
CA LEU B 88 -2.54 18.46 11.66
C LEU B 88 -2.02 19.66 12.47
N SER B 89 -2.89 20.29 13.25
CA SER B 89 -2.46 21.42 14.07
C SER B 89 -1.74 20.93 15.33
N GLN B 90 -2.10 19.73 15.79
CA GLN B 90 -1.38 19.03 16.87
C GLN B 90 -1.31 17.53 16.50
N PRO B 91 -0.32 16.80 17.05
CA PRO B 91 -0.22 15.36 16.78
C PRO B 91 -1.46 14.61 17.22
N LYS B 92 -1.89 13.64 16.41
CA LYS B 92 -3.05 12.83 16.75
C LYS B 92 -2.56 11.61 17.51
N ILE B 93 -3.22 11.30 18.62
CA ILE B 93 -2.84 10.15 19.42
C ILE B 93 -4.01 9.17 19.43
N VAL B 94 -3.80 8.02 18.80
CA VAL B 94 -4.83 7.00 18.72
C VAL B 94 -4.46 5.86 19.67
N LYS B 95 -5.36 5.59 20.62
CA LYS B 95 -5.12 4.51 21.58
C LYS B 95 -5.32 3.13 20.96
N TRP B 96 -4.55 2.16 21.44
CA TRP B 96 -4.78 0.76 21.08
C TRP B 96 -5.94 0.19 21.89
N ASP B 97 -6.94 -0.30 21.16
CA ASP B 97 -8.08 -0.99 21.74
C ASP B 97 -7.99 -2.40 21.18
N ARG B 98 -7.86 -3.40 22.04
CA ARG B 98 -7.64 -4.76 21.56
C ARG B 98 -8.83 -5.36 20.76
N ASP B 99 -9.98 -4.72 20.86
CA ASP B 99 -11.20 -5.10 20.12
C ASP B 99 -11.47 -4.18 18.90
N MET B 100 -10.43 -3.53 18.37
CA MET B 100 -10.58 -2.61 17.21
C MET B 100 -9.52 -2.84 16.12
N SER C 1 11.22 -8.24 -12.91
CA SER C 1 12.48 -7.55 -13.34
C SER C 1 12.15 -6.19 -13.96
N ARG C 2 12.91 -5.17 -13.57
CA ARG C 2 12.58 -3.80 -13.94
C ARG C 2 12.94 -3.51 -15.38
N ARG C 3 12.31 -2.48 -15.93
CA ARG C 3 12.67 -1.95 -17.25
C ARG C 3 13.98 -1.17 -17.20
N TRP C 4 14.92 -1.51 -18.11
CA TRP C 4 16.23 -0.82 -18.22
C TRP C 4 16.15 0.63 -18.75
N ARG C 5 15.44 0.84 -19.86
CA ARG C 5 15.49 2.17 -20.49
C ARG C 5 14.74 3.25 -19.70
N ARG C 6 15.31 4.45 -19.72
CA ARG C 6 14.83 5.61 -18.95
CA ARG C 6 14.76 5.59 -18.99
C ARG C 6 14.72 6.84 -19.86
N TRP C 7 13.75 7.71 -19.59
CA TRP C 7 13.60 8.96 -20.34
C TRP C 7 13.29 10.14 -19.40
N ASN C 8 13.98 11.26 -19.60
CA ASN C 8 13.65 12.46 -18.82
C ASN C 8 12.26 13.01 -19.17
N ARG C 9 11.62 13.59 -18.17
CA ARG C 9 10.39 14.37 -18.36
C ARG C 9 10.65 15.74 -18.99
C1 GOL D . 1.24 -14.56 2.79
O1 GOL D . 0.13 -15.34 3.13
C2 GOL D . 1.44 -14.70 1.29
O2 GOL D . 1.77 -16.05 1.07
C3 GOL D . 2.55 -13.78 0.84
O3 GOL D . 3.04 -14.11 -0.42
C1 GOL E . 0.40 -2.65 -4.06
O1 GOL E . 0.22 -1.95 -2.86
C2 GOL E . -0.72 -3.69 -4.15
O2 GOL E . -0.50 -4.65 -3.14
C3 GOL E . -0.81 -4.31 -5.53
O3 GOL E . -0.07 -3.56 -6.48
C1 GOL F . 21.75 -4.16 -20.49
O1 GOL F . 21.88 -2.98 -21.28
C2 GOL F . 20.35 -4.30 -19.89
O2 GOL F . 20.31 -5.45 -19.08
C3 GOL F . 19.29 -4.42 -20.99
O3 GOL F . 18.09 -5.00 -20.52
#